data_1MTP
#
_entry.id   1MTP
#
_cell.length_a   41.936
_cell.length_b   65.595
_cell.length_c   124.737
_cell.angle_alpha   90.00
_cell.angle_beta   90.00
_cell.angle_gamma   90.00
#
_symmetry.space_group_name_H-M   'P 21 21 21'
#
loop_
_entity.id
_entity.type
_entity.pdbx_description
1 polymer 'Serine Proteinase Inhibitor (SERPIN), Chain A'
2 polymer 'Serine Proteinase Inhibitor (SERPIN), Chain B'
3 water water
#
loop_
_entity_poly.entity_id
_entity_poly.type
_entity_poly.pdbx_seq_one_letter_code
_entity_poly.pdbx_strand_id
1 'polypeptide(L)'
;MSGGFLRDDHLEFALHLHRRLAEAVPDGEVIWSPYSVACALGVLAAGARATTRTELTTLLGTDPAPLLAALDRAVTDSPD
LASRTVLWVSADVPVRSSFRATMHDRPDSDVRTADFRTNPEGVRATVNADIADATRGMIRELLPQGAVTPDLRAILTNAL
WAKARWTTPFEAHLTREGTFRTPRGPKRVPFMHRTKTMPYATARGWRMVTLHAHDELAVDVLLPPGTNAAAVPTAPLLTA
LHRRSASTSVELALPRFELTQPHQLVEVLAEAGVRTLFTASADLSGISTVPLYVDTVIHQARLRVDERGAEGAAATAAMM
LLA
;
A
2 'polypeptide(L)' GAMPPRRTIRFSVDRPFHIVVRRRGAILFLGSIADPHDPGPAQ B
#
# COMPACT_ATOMS: atom_id res chain seq x y z
N GLY A 3 14.18 6.07 -17.58
CA GLY A 3 12.75 6.08 -17.13
C GLY A 3 12.57 5.47 -15.76
N GLY A 4 11.37 5.60 -15.22
CA GLY A 4 11.09 5.04 -13.91
C GLY A 4 10.61 3.60 -13.98
N PHE A 5 10.79 2.87 -12.88
CA PHE A 5 10.38 1.47 -12.83
C PHE A 5 8.92 1.33 -12.43
N LEU A 6 8.27 2.45 -12.15
CA LEU A 6 6.86 2.42 -11.76
C LEU A 6 5.98 3.09 -12.81
N ARG A 7 4.74 2.60 -12.94
CA ARG A 7 3.80 3.18 -13.88
C ARG A 7 3.65 4.64 -13.46
N ASP A 8 3.89 5.56 -14.40
CA ASP A 8 3.84 6.99 -14.12
C ASP A 8 2.63 7.51 -13.34
N ASP A 9 1.42 7.28 -13.84
CA ASP A 9 0.25 7.80 -13.13
C ASP A 9 0.10 7.19 -11.74
N HIS A 10 0.53 5.95 -11.59
CA HIS A 10 0.45 5.26 -10.30
C HIS A 10 1.45 5.87 -9.31
N LEU A 11 2.65 6.20 -9.81
CA LEU A 11 3.68 6.79 -8.96
C LEU A 11 3.24 8.19 -8.50
N GLU A 12 2.67 8.96 -9.43
CA GLU A 12 2.20 10.30 -9.09
C GLU A 12 1.11 10.20 -8.03
N PHE A 13 0.17 9.29 -8.25
CA PHE A 13 -0.93 9.06 -7.31
C PHE A 13 -0.37 8.71 -5.93
N ALA A 14 0.54 7.73 -5.90
CA ALA A 14 1.13 7.26 -4.66
C ALA A 14 1.83 8.33 -3.85
N LEU A 15 2.73 9.09 -4.48
CA LEU A 15 3.45 10.12 -3.74
C LEU A 15 2.62 11.35 -3.44
N HIS A 16 1.52 11.52 -4.16
CA HIS A 16 0.61 12.63 -3.88
C HIS A 16 -0.03 12.32 -2.53
N LEU A 17 -0.66 11.15 -2.42
CA LEU A 17 -1.29 10.76 -1.17
C LEU A 17 -0.26 10.57 -0.06
N HIS A 18 0.90 10.02 -0.38
CA HIS A 18 1.90 9.80 0.64
C HIS A 18 2.30 11.10 1.32
N ARG A 19 2.45 12.16 0.53
CA ARG A 19 2.82 13.47 1.06
C ARG A 19 1.76 13.95 2.06
N ARG A 20 0.48 13.82 1.70
CA ARG A 20 -0.59 14.25 2.59
C ARG A 20 -0.62 13.42 3.87
N LEU A 21 -0.37 12.12 3.74
CA LEU A 21 -0.37 11.23 4.90
C LEU A 21 0.78 11.60 5.83
N ALA A 22 1.96 11.82 5.26
CA ALA A 22 3.14 12.15 6.04
C ALA A 22 3.00 13.49 6.76
N GLU A 23 2.37 14.46 6.12
CA GLU A 23 2.20 15.78 6.72
C GLU A 23 1.14 15.79 7.81
N ALA A 24 0.32 14.75 7.86
CA ALA A 24 -0.76 14.66 8.86
C ALA A 24 -0.34 14.01 10.18
N VAL A 25 0.76 13.26 10.16
CA VAL A 25 1.23 12.61 11.39
C VAL A 25 2.36 13.43 12.00
N PRO A 26 2.52 13.38 13.34
CA PRO A 26 3.55 14.14 14.03
C PRO A 26 4.98 13.65 13.90
N ASP A 27 5.17 12.40 13.47
CA ASP A 27 6.50 11.83 13.34
C ASP A 27 6.86 11.46 11.91
N GLY A 28 6.00 11.82 10.97
CA GLY A 28 6.24 11.52 9.58
C GLY A 28 6.25 10.04 9.23
N GLU A 29 5.87 9.19 10.18
CA GLU A 29 5.87 7.75 9.94
C GLU A 29 4.58 7.26 9.29
N VAL A 30 4.72 6.57 8.16
CA VAL A 30 3.58 6.07 7.42
C VAL A 30 3.87 4.74 6.73
N ILE A 31 2.88 3.87 6.70
CA ILE A 31 2.99 2.61 5.97
C ILE A 31 1.62 2.32 5.37
N TRP A 32 1.59 2.10 4.07
CA TRP A 32 0.35 1.79 3.38
C TRP A 32 0.66 1.08 2.08
N SER A 33 -0.38 0.62 1.39
CA SER A 33 -0.20 -0.07 0.12
C SER A 33 -0.88 0.66 -1.03
N PRO A 34 -0.09 1.37 -1.86
CA PRO A 34 -0.69 2.08 -2.98
C PRO A 34 -1.43 1.09 -3.88
N TYR A 35 -0.88 -0.11 -4.04
CA TYR A 35 -1.53 -1.12 -4.86
C TYR A 35 -2.95 -1.39 -4.38
N SER A 36 -3.10 -1.66 -3.10
CA SER A 36 -4.41 -2.00 -2.55
C SER A 36 -5.41 -0.85 -2.63
N VAL A 37 -4.99 0.36 -2.26
CA VAL A 37 -5.89 1.49 -2.32
C VAL A 37 -6.25 1.82 -3.77
N ALA A 38 -5.26 1.78 -4.66
CA ALA A 38 -5.51 2.08 -6.07
C ALA A 38 -6.43 1.04 -6.69
N CYS A 39 -6.31 -0.22 -6.27
CA CYS A 39 -7.19 -1.26 -6.81
C CYS A 39 -8.63 -0.97 -6.39
N ALA A 40 -8.83 -0.66 -5.12
CA ALA A 40 -10.16 -0.37 -4.62
C ALA A 40 -10.75 0.86 -5.32
N LEU A 41 -9.97 1.94 -5.39
CA LEU A 41 -10.44 3.16 -6.04
C LEU A 41 -10.68 2.94 -7.53
N GLY A 42 -9.83 2.15 -8.17
CA GLY A 42 -9.99 1.88 -9.58
C GLY A 42 -11.26 1.10 -9.85
N VAL A 43 -11.54 0.10 -9.01
CA VAL A 43 -12.74 -0.69 -9.17
C VAL A 43 -13.96 0.19 -8.97
N LEU A 44 -13.91 1.09 -7.99
CA LEU A 44 -15.04 1.99 -7.76
C LEU A 44 -15.21 2.92 -8.97
N ALA A 45 -14.09 3.37 -9.54
CA ALA A 45 -14.15 4.24 -10.71
C ALA A 45 -14.79 3.52 -11.89
N ALA A 46 -14.60 2.20 -11.95
CA ALA A 46 -15.16 1.39 -13.02
C ALA A 46 -16.68 1.31 -12.90
N GLY A 47 -17.20 1.65 -11.73
CA GLY A 47 -18.65 1.62 -11.54
C GLY A 47 -19.21 3.02 -11.35
N ALA A 48 -18.37 4.02 -11.48
CA ALA A 48 -18.78 5.41 -11.26
C ALA A 48 -19.01 6.20 -12.56
N ARG A 49 -19.92 7.19 -12.49
CA ARG A 49 -20.29 8.05 -13.61
C ARG A 49 -19.96 9.50 -13.33
N ALA A 50 -20.37 10.39 -14.24
CA ALA A 50 -20.17 11.84 -14.19
C ALA A 50 -18.99 12.37 -13.33
N THR A 51 -19.27 13.36 -12.48
CA THR A 51 -18.25 13.98 -11.64
C THR A 51 -17.62 13.01 -10.64
N THR A 52 -18.40 12.02 -10.20
CA THR A 52 -17.87 11.04 -9.25
C THR A 52 -16.70 10.32 -9.90
N ARG A 53 -16.90 9.93 -11.16
CA ARG A 53 -15.85 9.25 -11.90
C ARG A 53 -14.69 10.18 -12.28
N THR A 54 -14.98 11.40 -12.72
CA THR A 54 -13.90 12.30 -13.11
C THR A 54 -12.99 12.64 -11.92
N GLU A 55 -13.57 12.76 -10.72
CA GLU A 55 -12.76 13.05 -9.55
C GLU A 55 -11.80 11.90 -9.28
N LEU A 56 -12.29 10.68 -9.44
CA LEU A 56 -11.45 9.51 -9.23
C LEU A 56 -10.37 9.38 -10.31
N THR A 57 -10.75 9.59 -11.56
CA THR A 57 -9.78 9.48 -12.64
C THR A 57 -8.71 10.55 -12.54
N THR A 58 -9.08 11.71 -12.00
CA THR A 58 -8.11 12.80 -11.85
C THR A 58 -7.10 12.42 -10.76
N LEU A 59 -7.57 11.87 -9.65
CA LEU A 59 -6.67 11.46 -8.58
C LEU A 59 -5.75 10.33 -9.03
N LEU A 60 -6.31 9.34 -9.71
CA LEU A 60 -5.53 8.21 -10.19
C LEU A 60 -4.66 8.59 -11.38
N GLY A 61 -5.05 9.66 -12.08
CA GLY A 61 -4.29 10.12 -13.23
C GLY A 61 -4.56 9.29 -14.46
N THR A 62 -5.66 8.54 -14.44
CA THR A 62 -6.03 7.68 -15.56
C THR A 62 -7.38 7.04 -15.33
N ASP A 63 -8.02 6.55 -16.40
CA ASP A 63 -9.28 5.85 -16.24
C ASP A 63 -8.86 4.50 -15.65
N PRO A 64 -9.78 3.81 -14.97
CA PRO A 64 -9.45 2.52 -14.34
C PRO A 64 -8.93 1.34 -15.14
N ALA A 65 -9.47 1.13 -16.35
CA ALA A 65 -9.07 -0.02 -17.17
C ALA A 65 -7.57 -0.30 -17.27
N PRO A 66 -6.78 0.62 -17.85
CA PRO A 66 -5.35 0.36 -17.96
C PRO A 66 -4.64 0.19 -16.62
N LEU A 67 -5.11 0.91 -15.61
CA LEU A 67 -4.50 0.81 -14.29
C LEU A 67 -4.74 -0.55 -13.66
N LEU A 68 -6.00 -0.98 -13.65
CA LEU A 68 -6.33 -2.27 -13.06
C LEU A 68 -5.62 -3.43 -13.77
N ALA A 69 -5.48 -3.33 -15.09
CA ALA A 69 -4.79 -4.38 -15.83
C ALA A 69 -3.34 -4.45 -15.37
N ALA A 70 -2.72 -3.28 -15.20
CA ALA A 70 -1.33 -3.21 -14.76
C ALA A 70 -1.18 -3.72 -13.33
N LEU A 71 -2.11 -3.33 -12.45
CA LEU A 71 -2.05 -3.77 -11.07
C LEU A 71 -2.23 -5.28 -10.97
N ASP A 72 -3.13 -5.83 -11.77
CA ASP A 72 -3.36 -7.28 -11.76
C ASP A 72 -2.08 -8.02 -12.11
N ARG A 73 -1.40 -7.58 -13.16
CA ARG A 73 -0.16 -8.22 -13.58
C ARG A 73 0.91 -8.15 -12.50
N ALA A 74 0.90 -7.06 -11.75
CA ALA A 74 1.90 -6.87 -10.70
C ALA A 74 1.79 -7.84 -9.54
N VAL A 75 0.64 -8.49 -9.39
CA VAL A 75 0.45 -9.42 -8.28
C VAL A 75 0.17 -10.86 -8.67
N THR A 76 0.42 -11.19 -9.94
CA THR A 76 0.19 -12.55 -10.42
C THR A 76 1.48 -13.23 -10.87
N ASP A 77 1.38 -14.54 -11.10
CA ASP A 77 2.47 -15.38 -11.59
C ASP A 77 3.57 -15.80 -10.60
N SER A 78 3.39 -15.51 -9.32
CA SER A 78 4.40 -15.89 -8.33
C SER A 78 3.84 -16.32 -6.98
N PRO A 79 4.43 -17.36 -6.38
CA PRO A 79 3.96 -17.82 -5.07
C PRO A 79 4.39 -16.87 -3.96
N ASP A 80 5.17 -15.84 -4.32
CA ASP A 80 5.64 -14.86 -3.34
C ASP A 80 4.63 -13.74 -3.05
N LEU A 81 3.53 -13.70 -3.78
CA LEU A 81 2.52 -12.69 -3.49
C LEU A 81 1.15 -13.14 -3.95
N ALA A 82 0.13 -12.53 -3.37
CA ALA A 82 -1.25 -12.87 -3.71
C ALA A 82 -2.18 -11.71 -3.40
N SER A 83 -3.18 -11.54 -4.25
CA SER A 83 -4.16 -10.48 -4.09
C SER A 83 -5.56 -11.10 -4.17
N ARG A 84 -6.52 -10.47 -3.51
CA ARG A 84 -7.90 -10.92 -3.53
C ARG A 84 -8.82 -9.73 -3.39
N THR A 85 -9.78 -9.63 -4.30
CA THR A 85 -10.73 -8.53 -4.30
C THR A 85 -12.14 -9.11 -4.24
N VAL A 86 -12.94 -8.63 -3.28
CA VAL A 86 -14.29 -9.13 -3.10
C VAL A 86 -15.32 -8.05 -2.90
N LEU A 87 -16.51 -8.28 -3.44
CA LEU A 87 -17.61 -7.35 -3.28
C LEU A 87 -18.63 -8.08 -2.40
N TRP A 88 -18.86 -7.56 -1.21
CA TRP A 88 -19.82 -8.13 -0.26
C TRP A 88 -21.05 -7.26 -0.40
N VAL A 89 -22.16 -7.85 -0.83
CA VAL A 89 -23.35 -7.05 -1.06
C VAL A 89 -24.68 -7.59 -0.55
N SER A 90 -25.53 -6.66 -0.12
CA SER A 90 -26.85 -6.99 0.39
C SER A 90 -27.70 -7.59 -0.74
N ALA A 91 -28.57 -8.52 -0.38
CA ALA A 91 -29.45 -9.14 -1.37
C ALA A 91 -30.42 -8.10 -1.92
N ASP A 92 -30.53 -6.97 -1.24
CA ASP A 92 -31.42 -5.89 -1.68
C ASP A 92 -30.78 -5.05 -2.78
N VAL A 93 -29.50 -5.26 -3.02
CA VAL A 93 -28.78 -4.51 -4.04
C VAL A 93 -28.38 -5.38 -5.23
N PRO A 94 -29.07 -5.24 -6.37
CA PRO A 94 -28.74 -6.04 -7.54
C PRO A 94 -27.50 -5.45 -8.23
N VAL A 95 -26.47 -6.26 -8.39
CA VAL A 95 -25.24 -5.81 -9.02
C VAL A 95 -25.32 -5.94 -10.53
N ARG A 96 -24.98 -4.86 -11.24
CA ARG A 96 -25.02 -4.89 -12.70
C ARG A 96 -24.03 -5.91 -13.23
N SER A 97 -24.41 -6.58 -14.31
CA SER A 97 -23.56 -7.60 -14.90
C SER A 97 -22.18 -7.06 -15.30
N SER A 98 -22.14 -5.83 -15.80
CA SER A 98 -20.86 -5.25 -16.20
C SER A 98 -19.94 -5.01 -15.02
N PHE A 99 -20.49 -4.70 -13.84
CA PHE A 99 -19.66 -4.47 -12.68
C PHE A 99 -19.18 -5.81 -12.14
N ARG A 100 -20.05 -6.82 -12.25
CA ARG A 100 -19.71 -8.17 -11.83
C ARG A 100 -18.51 -8.61 -12.67
N ALA A 101 -18.55 -8.27 -13.96
CA ALA A 101 -17.48 -8.60 -14.88
C ALA A 101 -16.17 -7.96 -14.43
N THR A 102 -16.24 -6.70 -14.01
CA THR A 102 -15.07 -5.98 -13.53
C THR A 102 -14.49 -6.69 -12.32
N MET A 103 -15.37 -7.14 -11.42
CA MET A 103 -14.93 -7.85 -10.23
C MET A 103 -14.24 -9.15 -10.61
N HIS A 104 -14.87 -9.93 -11.48
CA HIS A 104 -14.32 -11.22 -11.90
C HIS A 104 -12.99 -11.13 -12.64
N ASP A 105 -12.67 -9.96 -13.20
CA ASP A 105 -11.40 -9.80 -13.90
C ASP A 105 -10.23 -9.73 -12.91
N ARG A 106 -10.52 -9.35 -11.67
CA ARG A 106 -9.47 -9.24 -10.66
C ARG A 106 -9.01 -10.60 -10.17
N PRO A 107 -7.74 -10.70 -9.75
CA PRO A 107 -7.22 -11.98 -9.25
C PRO A 107 -7.98 -12.51 -8.05
N ASP A 108 -8.19 -13.83 -8.03
CA ASP A 108 -8.89 -14.52 -6.94
C ASP A 108 -10.06 -13.70 -6.40
N SER A 109 -10.91 -13.27 -7.33
CA SER A 109 -12.05 -12.42 -7.01
C SER A 109 -13.35 -13.14 -6.71
N ASP A 110 -14.28 -12.41 -6.11
CA ASP A 110 -15.56 -12.99 -5.75
C ASP A 110 -16.60 -11.91 -5.43
N VAL A 111 -17.87 -12.26 -5.60
CA VAL A 111 -18.98 -11.38 -5.27
C VAL A 111 -19.76 -12.25 -4.31
N ARG A 112 -19.99 -11.76 -3.10
CA ARG A 112 -20.68 -12.55 -2.09
C ARG A 112 -21.82 -11.78 -1.44
N THR A 113 -22.81 -12.52 -0.95
CA THR A 113 -23.96 -11.92 -0.29
C THR A 113 -23.65 -11.71 1.18
N ALA A 114 -24.07 -10.56 1.69
CA ALA A 114 -23.86 -10.21 3.09
C ALA A 114 -25.15 -9.70 3.70
N ASP A 115 -25.50 -10.20 4.88
CA ASP A 115 -26.72 -9.79 5.57
C ASP A 115 -26.38 -8.72 6.60
N PHE A 116 -26.20 -7.50 6.11
CA PHE A 116 -25.87 -6.35 6.96
C PHE A 116 -27.00 -6.03 7.94
N ARG A 117 -28.21 -6.02 7.42
CA ARG A 117 -29.40 -5.68 8.22
C ARG A 117 -29.62 -6.47 9.50
N THR A 118 -29.60 -7.80 9.42
CA THR A 118 -29.86 -8.59 10.61
C THR A 118 -28.65 -9.30 11.23
N ASN A 119 -27.53 -9.32 10.51
CA ASN A 119 -26.34 -10.00 11.03
C ASN A 119 -25.05 -9.22 10.75
N PRO A 120 -25.01 -7.94 11.14
CA PRO A 120 -23.83 -7.11 10.91
C PRO A 120 -22.54 -7.66 11.52
N GLU A 121 -22.64 -8.22 12.73
CA GLU A 121 -21.45 -8.79 13.37
C GLU A 121 -21.02 -10.05 12.64
N GLY A 122 -21.99 -10.75 12.06
CA GLY A 122 -21.69 -11.96 11.31
C GLY A 122 -20.90 -11.56 10.09
N VAL A 123 -21.32 -10.46 9.45
CA VAL A 123 -20.63 -9.97 8.27
C VAL A 123 -19.21 -9.52 8.63
N ARG A 124 -19.07 -8.77 9.72
CA ARG A 124 -17.74 -8.30 10.12
C ARG A 124 -16.82 -9.49 10.36
N ALA A 125 -17.34 -10.52 11.02
CA ALA A 125 -16.54 -11.72 11.29
C ALA A 125 -16.13 -12.41 10.00
N THR A 126 -17.08 -12.54 9.08
CA THR A 126 -16.83 -13.18 7.80
C THR A 126 -15.79 -12.43 6.97
N VAL A 127 -15.94 -11.10 6.90
CA VAL A 127 -15.01 -10.28 6.13
C VAL A 127 -13.62 -10.33 6.76
N ASN A 128 -13.54 -10.11 8.07
CA ASN A 128 -12.24 -10.13 8.73
C ASN A 128 -11.54 -11.47 8.58
N ALA A 129 -12.30 -12.56 8.61
CA ALA A 129 -11.71 -13.89 8.46
C ALA A 129 -11.17 -14.07 7.05
N ASP A 130 -11.89 -13.55 6.06
CA ASP A 130 -11.48 -13.66 4.67
C ASP A 130 -10.20 -12.86 4.44
N ILE A 131 -10.13 -11.68 5.03
CA ILE A 131 -8.94 -10.82 4.91
C ILE A 131 -7.77 -11.49 5.63
N ALA A 132 -8.04 -12.08 6.79
CA ALA A 132 -7.00 -12.75 7.56
C ALA A 132 -6.42 -13.90 6.75
N ASP A 133 -7.28 -14.67 6.10
CA ASP A 133 -6.81 -15.78 5.29
C ASP A 133 -5.94 -15.27 4.13
N ALA A 134 -6.43 -14.25 3.45
CA ALA A 134 -5.71 -13.66 2.32
C ALA A 134 -4.38 -13.04 2.68
N THR A 135 -4.27 -12.53 3.92
CA THR A 135 -3.04 -11.90 4.36
C THR A 135 -2.15 -12.81 5.19
N ARG A 136 -2.38 -14.12 5.07
CA ARG A 136 -1.58 -15.11 5.80
C ARG A 136 -1.55 -14.81 7.30
N GLY A 137 -2.67 -14.34 7.83
CA GLY A 137 -2.77 -14.04 9.25
C GLY A 137 -2.11 -12.75 9.72
N MET A 138 -1.63 -11.94 8.78
CA MET A 138 -0.97 -10.69 9.13
C MET A 138 -1.91 -9.55 9.47
N ILE A 139 -3.15 -9.62 8.96
CA ILE A 139 -4.16 -8.61 9.24
C ILE A 139 -5.40 -9.39 9.67
N ARG A 140 -5.54 -9.61 10.97
CA ARG A 140 -6.64 -10.38 11.50
C ARG A 140 -7.93 -9.61 11.81
N GLU A 141 -7.84 -8.28 11.88
CA GLU A 141 -9.02 -7.48 12.16
C GLU A 141 -9.00 -6.17 11.38
N LEU A 142 -9.22 -6.28 10.07
CA LEU A 142 -9.24 -5.10 9.23
C LEU A 142 -10.34 -4.15 9.68
N LEU A 143 -11.52 -4.71 9.94
CA LEU A 143 -12.66 -3.93 10.37
C LEU A 143 -12.78 -3.95 11.89
N PRO A 144 -12.56 -2.79 12.53
CA PRO A 144 -12.64 -2.67 13.99
C PRO A 144 -14.06 -2.94 14.48
N GLN A 145 -14.21 -3.17 15.77
CA GLN A 145 -15.54 -3.42 16.33
C GLN A 145 -16.45 -2.23 16.01
N GLY A 146 -17.67 -2.53 15.59
CA GLY A 146 -18.62 -1.49 15.26
C GLY A 146 -18.46 -0.90 13.87
N ALA A 147 -17.47 -1.37 13.11
CA ALA A 147 -17.22 -0.88 11.77
C ALA A 147 -18.35 -1.25 10.81
N VAL A 148 -18.99 -2.39 11.07
CA VAL A 148 -20.09 -2.84 10.22
C VAL A 148 -21.41 -2.52 10.90
N THR A 149 -22.17 -1.59 10.32
CA THR A 149 -23.45 -1.19 10.85
C THR A 149 -24.59 -1.77 10.01
N PRO A 150 -25.78 -1.92 10.62
CA PRO A 150 -26.97 -2.46 9.97
C PRO A 150 -27.46 -1.68 8.74
N ASP A 151 -26.99 -0.46 8.58
CA ASP A 151 -27.41 0.37 7.45
C ASP A 151 -26.52 0.24 6.21
N LEU A 152 -25.39 -0.45 6.35
CA LEU A 152 -24.51 -0.65 5.20
C LEU A 152 -25.19 -1.61 4.23
N ARG A 153 -24.86 -1.50 2.95
CA ARG A 153 -25.46 -2.39 1.97
C ARG A 153 -24.43 -3.04 1.05
N ALA A 154 -23.17 -2.60 1.17
CA ALA A 154 -22.10 -3.18 0.37
C ALA A 154 -20.73 -2.81 0.91
N ILE A 155 -19.78 -3.71 0.73
CA ILE A 155 -18.39 -3.48 1.14
C ILE A 155 -17.52 -4.01 0.03
N LEU A 156 -16.58 -3.19 -0.45
CA LEU A 156 -15.64 -3.62 -1.47
C LEU A 156 -14.31 -3.78 -0.76
N THR A 157 -13.70 -4.95 -0.84
CA THR A 157 -12.42 -5.16 -0.20
C THR A 157 -11.34 -5.64 -1.16
N ASN A 158 -10.11 -5.30 -0.83
CA ASN A 158 -8.96 -5.79 -1.57
C ASN A 158 -7.93 -6.13 -0.52
N ALA A 159 -7.29 -7.27 -0.69
CA ALA A 159 -6.27 -7.72 0.24
C ALA A 159 -5.01 -8.07 -0.55
N LEU A 160 -3.86 -7.80 0.06
CA LEU A 160 -2.58 -8.09 -0.56
C LEU A 160 -1.62 -8.70 0.43
N TRP A 161 -0.86 -9.68 -0.03
CA TRP A 161 0.18 -10.32 0.78
C TRP A 161 1.36 -10.47 -0.15
N ALA A 162 2.55 -10.11 0.32
CA ALA A 162 3.75 -10.24 -0.50
C ALA A 162 4.93 -10.54 0.38
N LYS A 163 5.71 -11.55 0.00
CA LYS A 163 6.88 -11.93 0.78
C LYS A 163 8.11 -11.91 -0.13
N ALA A 164 8.80 -10.77 -0.15
CA ALA A 164 10.00 -10.62 -0.94
C ALA A 164 11.14 -11.35 -0.26
N ARG A 165 11.92 -12.08 -1.05
CA ARG A 165 13.07 -12.81 -0.53
C ARG A 165 14.32 -12.20 -1.13
N TRP A 166 15.19 -11.65 -0.29
CA TRP A 166 16.43 -11.05 -0.80
C TRP A 166 17.20 -12.11 -1.56
N THR A 167 17.74 -11.74 -2.73
CA THR A 167 18.50 -12.69 -3.51
C THR A 167 19.79 -13.00 -2.74
N THR A 168 20.29 -12.02 -2.00
CA THR A 168 21.47 -12.19 -1.16
C THR A 168 21.09 -11.71 0.23
N PRO A 169 20.61 -12.62 1.08
CA PRO A 169 20.19 -12.30 2.45
C PRO A 169 21.30 -11.73 3.31
N PHE A 170 20.91 -11.00 4.36
CA PHE A 170 21.87 -10.43 5.30
C PHE A 170 22.29 -11.58 6.20
N GLU A 171 23.58 -11.64 6.55
CA GLU A 171 24.05 -12.70 7.42
C GLU A 171 23.62 -12.39 8.86
N ALA A 172 22.91 -13.32 9.48
CA ALA A 172 22.40 -13.17 10.84
C ALA A 172 23.42 -12.72 11.88
N HIS A 173 24.60 -13.33 11.87
CA HIS A 173 25.62 -13.00 12.85
C HIS A 173 26.21 -11.59 12.68
N LEU A 174 25.89 -10.94 11.57
CA LEU A 174 26.40 -9.59 11.31
C LEU A 174 25.46 -8.48 11.77
N THR A 175 24.29 -8.86 12.26
CA THR A 175 23.33 -7.86 12.75
C THR A 175 23.78 -7.45 14.14
N ARG A 176 24.01 -6.14 14.32
CA ARG A 176 24.44 -5.64 15.61
C ARG A 176 23.77 -4.32 15.96
N GLU A 177 23.85 -3.95 17.23
CA GLU A 177 23.24 -2.71 17.71
C GLU A 177 23.94 -1.48 17.17
N GLY A 178 23.16 -0.44 16.92
CA GLY A 178 23.68 0.81 16.42
C GLY A 178 22.76 1.93 16.85
N THR A 179 23.10 3.16 16.52
CA THR A 179 22.27 4.30 16.91
C THR A 179 21.43 4.81 15.75
N PHE A 180 20.14 4.91 15.97
CA PHE A 180 19.21 5.43 14.96
C PHE A 180 18.58 6.68 15.55
N ARG A 181 18.64 7.78 14.80
CA ARG A 181 18.09 9.04 15.25
C ARG A 181 16.61 9.18 14.88
N THR A 182 15.73 8.87 15.83
CA THR A 182 14.29 8.97 15.60
C THR A 182 13.80 10.37 15.96
N PRO A 183 12.57 10.71 15.53
CA PRO A 183 12.03 12.04 15.85
C PRO A 183 11.85 12.20 17.36
N ARG A 184 11.94 11.08 18.08
CA ARG A 184 11.81 11.07 19.53
C ARG A 184 13.16 10.89 20.22
N GLY A 185 14.24 11.13 19.49
CA GLY A 185 15.57 11.00 20.07
C GLY A 185 16.34 9.79 19.58
N PRO A 186 17.65 9.72 19.89
CA PRO A 186 18.51 8.61 19.50
C PRO A 186 18.17 7.32 20.22
N LYS A 187 18.14 6.21 19.49
CA LYS A 187 17.82 4.92 20.08
C LYS A 187 18.74 3.82 19.59
N ARG A 188 19.08 2.90 20.47
CA ARG A 188 19.94 1.78 20.11
C ARG A 188 19.04 0.70 19.54
N VAL A 189 19.28 0.35 18.28
CA VAL A 189 18.49 -0.66 17.61
C VAL A 189 19.37 -1.58 16.76
N PRO A 190 18.86 -2.78 16.44
CA PRO A 190 19.64 -3.72 15.63
C PRO A 190 19.73 -3.30 14.17
N PHE A 191 20.94 -3.26 13.64
CA PHE A 191 21.19 -2.91 12.25
C PHE A 191 21.74 -4.13 11.53
N MET A 192 21.17 -4.43 10.37
CA MET A 192 21.64 -5.54 9.56
C MET A 192 22.76 -4.97 8.69
N HIS A 193 23.80 -5.75 8.45
CA HIS A 193 24.92 -5.28 7.63
C HIS A 193 25.23 -6.19 6.46
N ARG A 194 25.48 -5.58 5.31
CA ARG A 194 25.83 -6.31 4.10
C ARG A 194 26.60 -5.40 3.16
N THR A 195 27.72 -5.89 2.66
CA THR A 195 28.53 -5.13 1.71
C THR A 195 28.48 -5.90 0.40
N LYS A 196 27.97 -5.27 -0.64
CA LYS A 196 27.85 -5.94 -1.92
C LYS A 196 27.48 -4.97 -3.03
N THR A 197 27.81 -5.34 -4.25
CA THR A 197 27.47 -4.51 -5.40
C THR A 197 25.96 -4.51 -5.53
N MET A 198 25.38 -3.33 -5.73
CA MET A 198 23.94 -3.19 -5.84
C MET A 198 23.65 -1.81 -6.44
N PRO A 199 22.40 -1.57 -6.87
CA PRO A 199 22.07 -0.27 -7.45
C PRO A 199 22.14 0.84 -6.41
N TYR A 200 22.78 1.95 -6.79
CA TYR A 200 22.91 3.11 -5.92
C TYR A 200 22.69 4.35 -6.77
N ALA A 201 22.06 5.37 -6.19
CA ALA A 201 21.81 6.59 -6.92
C ALA A 201 21.76 7.79 -5.98
N THR A 202 22.11 8.96 -6.51
CA THR A 202 22.07 10.18 -5.73
C THR A 202 21.49 11.27 -6.63
N ALA A 203 20.72 12.17 -6.04
CA ALA A 203 20.11 13.25 -6.81
C ALA A 203 19.52 14.27 -5.86
N ARG A 204 19.87 15.55 -6.08
CA ARG A 204 19.37 16.63 -5.26
C ARG A 204 19.57 16.41 -3.75
N GLY A 205 20.67 15.77 -3.38
CA GLY A 205 20.94 15.52 -1.98
C GLY A 205 20.38 14.22 -1.45
N TRP A 206 19.50 13.59 -2.23
CA TRP A 206 18.92 12.32 -1.82
C TRP A 206 19.85 11.19 -2.19
N ARG A 207 19.74 10.08 -1.46
CA ARG A 207 20.55 8.90 -1.73
C ARG A 207 19.64 7.68 -1.69
N MET A 208 19.89 6.73 -2.57
CA MET A 208 19.05 5.54 -2.62
C MET A 208 19.80 4.30 -3.05
N VAL A 209 19.38 3.15 -2.51
CA VAL A 209 19.94 1.87 -2.91
C VAL A 209 18.74 1.00 -3.18
N THR A 210 18.94 -0.06 -3.95
CA THR A 210 17.85 -0.96 -4.26
C THR A 210 18.24 -2.40 -3.93
N LEU A 211 17.44 -3.02 -3.07
CA LEU A 211 17.68 -4.41 -2.68
C LEU A 211 16.99 -5.34 -3.66
N HIS A 212 17.77 -6.22 -4.26
CA HIS A 212 17.31 -7.18 -5.24
C HIS A 212 16.63 -8.37 -4.56
N ALA A 213 15.47 -8.77 -5.07
CA ALA A 213 14.73 -9.89 -4.50
C ALA A 213 14.24 -10.82 -5.61
N HIS A 214 13.78 -12.00 -5.23
CA HIS A 214 13.29 -12.97 -6.17
C HIS A 214 11.97 -12.56 -6.80
N ASP A 215 11.63 -13.24 -7.89
CA ASP A 215 10.38 -13.04 -8.60
C ASP A 215 9.95 -11.61 -8.90
N GLU A 216 10.87 -10.85 -9.49
CA GLU A 216 10.61 -9.48 -9.93
C GLU A 216 10.28 -8.44 -8.86
N LEU A 217 10.54 -8.79 -7.60
CA LEU A 217 10.32 -7.85 -6.51
C LEU A 217 11.61 -7.08 -6.26
N ALA A 218 11.48 -5.81 -5.92
CA ALA A 218 12.63 -4.95 -5.63
C ALA A 218 12.24 -4.01 -4.51
N VAL A 219 13.22 -3.61 -3.71
CA VAL A 219 12.94 -2.71 -2.60
C VAL A 219 13.90 -1.52 -2.58
N ASP A 220 13.37 -0.33 -2.86
CA ASP A 220 14.20 0.88 -2.85
C ASP A 220 14.21 1.44 -1.44
N VAL A 221 15.37 1.88 -0.99
CA VAL A 221 15.52 2.49 0.34
C VAL A 221 16.11 3.87 0.09
N LEU A 222 15.38 4.91 0.49
CA LEU A 222 15.82 6.28 0.27
C LEU A 222 16.09 7.06 1.53
N LEU A 223 17.18 7.82 1.51
CA LEU A 223 17.55 8.69 2.61
C LEU A 223 17.48 10.12 2.11
N PRO A 224 16.71 10.97 2.81
CA PRO A 224 16.61 12.36 2.38
C PRO A 224 17.89 13.09 2.72
N PRO A 225 18.07 14.31 2.19
CA PRO A 225 19.27 15.09 2.47
C PRO A 225 19.36 15.38 3.96
N GLY A 226 20.57 15.43 4.50
CA GLY A 226 20.74 15.71 5.92
C GLY A 226 20.23 17.11 6.24
N THR A 227 20.11 17.94 5.21
CA THR A 227 19.61 19.31 5.37
C THR A 227 18.11 19.35 5.64
N ASN A 228 17.45 18.21 5.48
CA ASN A 228 16.03 18.09 5.79
C ASN A 228 15.69 16.61 5.94
N ALA A 229 16.01 16.08 7.12
CA ALA A 229 15.76 14.69 7.45
C ALA A 229 14.30 14.30 7.39
N ALA A 230 13.41 15.29 7.35
CA ALA A 230 11.97 15.04 7.30
C ALA A 230 11.37 15.14 5.90
N ALA A 231 12.21 15.35 4.90
CA ALA A 231 11.75 15.48 3.53
C ALA A 231 11.08 14.20 3.03
N VAL A 232 10.09 14.37 2.17
CA VAL A 232 9.36 13.24 1.58
C VAL A 232 9.64 13.27 0.08
N PRO A 233 9.90 12.09 -0.52
CA PRO A 233 10.18 12.07 -1.96
C PRO A 233 9.00 12.44 -2.85
N THR A 234 9.32 12.97 -4.03
CA THR A 234 8.31 13.35 -5.01
C THR A 234 8.49 12.40 -6.19
N ALA A 235 7.50 12.35 -7.08
CA ALA A 235 7.57 11.47 -8.23
C ALA A 235 8.76 11.79 -9.14
N PRO A 236 8.97 13.08 -9.48
CA PRO A 236 10.10 13.42 -10.34
C PRO A 236 11.44 13.00 -9.73
N LEU A 237 11.52 13.07 -8.41
CA LEU A 237 12.74 12.71 -7.70
C LEU A 237 13.02 11.22 -7.77
N LEU A 238 12.03 10.40 -7.45
CA LEU A 238 12.22 8.96 -7.49
C LEU A 238 12.55 8.50 -8.89
N THR A 239 11.89 9.10 -9.89
CA THR A 239 12.16 8.73 -11.27
C THR A 239 13.60 9.04 -11.63
N ALA A 240 14.09 10.19 -11.15
CA ALA A 240 15.47 10.59 -11.41
C ALA A 240 16.44 9.60 -10.75
N LEU A 241 16.09 9.17 -9.55
CA LEU A 241 16.93 8.21 -8.83
C LEU A 241 16.97 6.87 -9.57
N HIS A 242 15.82 6.44 -10.08
CA HIS A 242 15.75 5.18 -10.83
C HIS A 242 16.63 5.30 -12.08
N ARG A 243 16.53 6.43 -12.77
CA ARG A 243 17.31 6.65 -13.98
C ARG A 243 18.81 6.69 -13.76
N ARG A 244 19.23 7.24 -12.62
CA ARG A 244 20.65 7.36 -12.31
C ARG A 244 21.21 6.15 -11.56
N SER A 245 20.33 5.28 -11.11
CA SER A 245 20.72 4.08 -10.36
C SER A 245 21.77 3.27 -11.12
N ALA A 246 22.90 3.02 -10.49
CA ALA A 246 23.99 2.26 -11.12
C ALA A 246 24.71 1.31 -10.16
N SER A 247 25.32 0.28 -10.74
CA SER A 247 26.05 -0.73 -9.97
C SER A 247 27.12 -0.08 -9.09
N THR A 248 27.03 -0.32 -7.78
CA THR A 248 27.96 0.25 -6.82
C THR A 248 28.21 -0.69 -5.66
N SER A 249 29.46 -0.79 -5.20
CA SER A 249 29.77 -1.63 -4.05
C SER A 249 29.30 -0.80 -2.86
N VAL A 250 28.30 -1.30 -2.14
CA VAL A 250 27.75 -0.58 -1.02
C VAL A 250 27.83 -1.29 0.33
N GLU A 251 28.33 -0.57 1.33
CA GLU A 251 28.41 -1.08 2.68
C GLU A 251 27.09 -0.59 3.28
N LEU A 252 26.11 -1.48 3.33
CA LEU A 252 24.77 -1.17 3.81
C LEU A 252 24.49 -1.54 5.26
N ALA A 253 23.90 -0.60 5.99
CA ALA A 253 23.51 -0.80 7.39
C ALA A 253 22.02 -0.45 7.39
N LEU A 254 21.18 -1.45 7.59
CA LEU A 254 19.72 -1.28 7.58
C LEU A 254 19.05 -1.87 8.80
N PRO A 255 18.25 -1.07 9.52
CA PRO A 255 17.59 -1.60 10.71
C PRO A 255 16.55 -2.68 10.40
N ARG A 256 16.44 -3.65 11.30
CA ARG A 256 15.41 -4.68 11.17
C ARG A 256 14.21 -3.94 11.71
N PHE A 257 13.06 -4.06 11.06
CA PHE A 257 11.89 -3.35 11.58
C PHE A 257 10.57 -3.95 11.13
N GLU A 258 9.52 -3.60 11.84
CA GLU A 258 8.18 -4.04 11.51
C GLU A 258 7.24 -2.93 11.95
N LEU A 259 6.32 -2.54 11.07
CA LEU A 259 5.37 -1.49 11.37
C LEU A 259 4.00 -1.84 10.82
N THR A 260 2.97 -1.56 11.62
CA THR A 260 1.59 -1.80 11.23
C THR A 260 0.82 -0.51 11.50
N GLN A 261 -0.02 -0.11 10.56
CA GLN A 261 -0.82 1.09 10.73
C GLN A 261 -2.20 0.97 10.16
N PRO A 262 -3.22 1.37 10.95
CA PRO A 262 -4.61 1.32 10.50
C PRO A 262 -4.91 2.73 10.01
N HIS A 263 -5.75 2.87 9.00
CA HIS A 263 -6.09 4.18 8.44
C HIS A 263 -7.58 4.31 8.13
N GLN A 264 -8.05 5.56 8.15
CA GLN A 264 -9.41 5.92 7.77
C GLN A 264 -9.06 7.00 6.73
N LEU A 265 -9.25 6.66 5.46
CA LEU A 265 -8.84 7.53 4.36
C LEU A 265 -9.78 8.56 3.74
N VAL A 266 -11.05 8.58 4.13
CA VAL A 266 -11.96 9.54 3.51
C VAL A 266 -11.49 10.99 3.57
N GLU A 267 -11.06 11.44 4.73
CA GLU A 267 -10.62 12.82 4.88
C GLU A 267 -9.46 13.19 3.95
N VAL A 268 -8.43 12.36 3.90
CA VAL A 268 -7.29 12.68 3.05
C VAL A 268 -7.65 12.54 1.57
N LEU A 269 -8.50 11.57 1.23
CA LEU A 269 -8.90 11.39 -0.16
C LEU A 269 -9.69 12.60 -0.63
N ALA A 270 -10.47 13.17 0.27
CA ALA A 270 -11.27 14.36 -0.04
C ALA A 270 -10.35 15.55 -0.26
N GLU A 271 -9.32 15.68 0.57
CA GLU A 271 -8.38 16.77 0.41
C GLU A 271 -7.63 16.58 -0.90
N ALA A 272 -7.50 15.33 -1.32
CA ALA A 272 -6.81 14.99 -2.56
C ALA A 272 -7.66 15.21 -3.81
N GLY A 273 -8.95 15.49 -3.61
CA GLY A 273 -9.81 15.74 -4.76
C GLY A 273 -11.05 14.88 -4.93
N VAL A 274 -11.08 13.71 -4.29
CA VAL A 274 -12.23 12.82 -4.38
C VAL A 274 -13.22 13.18 -3.29
N ARG A 275 -14.33 13.80 -3.68
CA ARG A 275 -15.32 14.25 -2.71
C ARG A 275 -16.75 13.77 -2.92
N THR A 276 -17.24 13.84 -4.15
CA THR A 276 -18.61 13.44 -4.45
C THR A 276 -18.88 11.98 -4.10
N LEU A 277 -17.88 11.14 -4.29
CA LEU A 277 -18.00 9.71 -3.99
C LEU A 277 -18.44 9.45 -2.54
N PHE A 278 -18.11 10.38 -1.65
CA PHE A 278 -18.42 10.24 -0.23
C PHE A 278 -19.70 10.94 0.22
N THR A 279 -20.55 11.30 -0.74
CA THR A 279 -21.81 11.97 -0.43
C THR A 279 -22.95 11.28 -1.15
N ALA A 280 -24.18 11.57 -0.74
CA ALA A 280 -25.36 10.97 -1.36
C ALA A 280 -25.48 11.36 -2.83
N SER A 281 -24.71 12.36 -3.25
CA SER A 281 -24.73 12.82 -4.64
C SER A 281 -23.86 11.95 -5.53
N ALA A 282 -23.18 10.98 -4.93
CA ALA A 282 -22.32 10.08 -5.68
C ALA A 282 -23.07 9.38 -6.79
N ASP A 283 -22.39 9.16 -7.92
CA ASP A 283 -22.99 8.46 -9.04
C ASP A 283 -22.22 7.17 -9.23
N LEU A 284 -22.77 6.09 -8.69
CA LEU A 284 -22.17 4.76 -8.80
C LEU A 284 -23.19 3.90 -9.55
N SER A 285 -23.83 4.50 -10.54
CA SER A 285 -24.83 3.80 -11.33
C SER A 285 -24.24 2.68 -12.18
N GLY A 286 -22.91 2.58 -12.19
CA GLY A 286 -22.26 1.53 -12.92
C GLY A 286 -22.17 0.27 -12.06
N ILE A 287 -22.49 0.41 -10.78
CA ILE A 287 -22.46 -0.72 -9.85
C ILE A 287 -23.85 -1.35 -9.71
N SER A 288 -24.85 -0.50 -9.50
CA SER A 288 -26.21 -0.98 -9.32
C SER A 288 -27.22 0.12 -9.60
N THR A 289 -28.45 -0.28 -9.92
CA THR A 289 -29.54 0.66 -10.17
C THR A 289 -29.97 1.25 -8.83
N VAL A 290 -29.54 0.60 -7.74
CA VAL A 290 -29.83 1.09 -6.40
C VAL A 290 -28.65 2.00 -6.05
N PRO A 291 -28.92 3.30 -5.82
CA PRO A 291 -27.88 4.29 -5.50
C PRO A 291 -27.11 4.05 -4.21
N LEU A 292 -25.78 3.95 -4.34
CA LEU A 292 -24.89 3.73 -3.20
C LEU A 292 -23.84 4.82 -3.16
N TYR A 293 -23.24 5.02 -1.99
CA TYR A 293 -22.14 5.98 -1.87
C TYR A 293 -21.21 5.45 -0.79
N VAL A 294 -19.97 5.94 -0.78
CA VAL A 294 -18.99 5.46 0.20
C VAL A 294 -18.99 6.28 1.48
N ASP A 295 -19.22 5.59 2.60
CA ASP A 295 -19.26 6.22 3.91
C ASP A 295 -17.86 6.36 4.50
N THR A 296 -17.09 5.28 4.48
CA THR A 296 -15.73 5.28 5.02
C THR A 296 -14.84 4.39 4.18
N VAL A 297 -13.54 4.62 4.28
CA VAL A 297 -12.56 3.80 3.56
C VAL A 297 -11.51 3.39 4.57
N ILE A 298 -11.54 2.11 4.94
CA ILE A 298 -10.60 1.55 5.89
C ILE A 298 -9.39 0.97 5.24
N HIS A 299 -8.23 1.21 5.86
CA HIS A 299 -7.00 0.66 5.30
C HIS A 299 -5.96 0.40 6.31
N GLN A 300 -5.49 -0.84 6.29
CA GLN A 300 -4.48 -1.33 7.18
C GLN A 300 -3.30 -1.95 6.43
N ALA A 301 -2.09 -1.62 6.85
CA ALA A 301 -0.90 -2.13 6.21
C ALA A 301 0.15 -2.52 7.25
N ARG A 302 0.92 -3.56 6.93
CA ARG A 302 1.94 -4.07 7.82
C ARG A 302 3.14 -4.50 6.98
N LEU A 303 4.33 -4.16 7.42
CA LEU A 303 5.54 -4.51 6.70
C LEU A 303 6.66 -4.89 7.66
N ARG A 304 7.29 -6.03 7.41
CA ARG A 304 8.40 -6.51 8.22
C ARG A 304 9.62 -6.65 7.33
N VAL A 305 10.74 -6.10 7.78
CA VAL A 305 11.98 -6.19 7.04
C VAL A 305 13.04 -6.80 7.95
N ASP A 306 13.57 -7.95 7.54
CA ASP A 306 14.59 -8.61 8.33
C ASP A 306 15.68 -9.21 7.44
N GLU A 307 16.55 -10.02 8.02
CA GLU A 307 17.66 -10.61 7.29
C GLU A 307 17.30 -11.42 6.06
N ARG A 308 16.11 -12.03 6.05
CA ARG A 308 15.70 -12.87 4.93
C ARG A 308 14.94 -12.16 3.81
N GLY A 309 14.29 -11.04 4.13
CA GLY A 309 13.55 -10.33 3.11
C GLY A 309 12.58 -9.30 3.67
N ALA A 310 11.53 -9.01 2.90
CA ALA A 310 10.52 -8.06 3.31
C ALA A 310 9.15 -8.69 3.10
N GLU A 311 8.39 -8.85 4.18
CA GLU A 311 7.07 -9.44 4.07
C GLU A 311 6.02 -8.45 4.51
N GLY A 312 5.02 -8.21 3.66
CA GLY A 312 3.99 -7.26 3.99
C GLY A 312 2.60 -7.73 3.64
N ALA A 313 1.61 -7.08 4.25
CA ALA A 313 0.23 -7.39 4.01
C ALA A 313 -0.55 -6.08 4.13
N ALA A 314 -1.62 -5.97 3.36
CA ALA A 314 -2.44 -4.78 3.40
C ALA A 314 -3.85 -5.14 2.95
N ALA A 315 -4.81 -4.32 3.36
CA ALA A 315 -6.19 -4.54 2.97
C ALA A 315 -6.92 -3.22 3.00
N THR A 316 -7.88 -3.09 2.09
CA THR A 316 -8.68 -1.87 1.97
C THR A 316 -10.14 -2.26 1.92
N ALA A 317 -10.97 -1.49 2.61
CA ALA A 317 -12.41 -1.75 2.62
C ALA A 317 -13.18 -0.46 2.40
N ALA A 318 -13.97 -0.41 1.35
CA ALA A 318 -14.79 0.76 1.07
C ALA A 318 -16.19 0.36 1.54
N MET A 319 -16.68 1.06 2.57
CA MET A 319 -17.98 0.77 3.15
C MET A 319 -19.05 1.63 2.49
N MET A 320 -20.09 0.99 1.93
CA MET A 320 -21.14 1.73 1.24
C MET A 320 -22.51 1.68 1.87
N LEU A 321 -23.18 2.83 1.81
CA LEU A 321 -24.53 3.04 2.34
C LEU A 321 -25.49 3.40 1.21
N LEU A 322 -26.78 3.39 1.51
CA LEU A 322 -27.81 3.75 0.55
C LEU A 322 -28.17 5.23 0.70
N THR B 8 32.25 0.33 -1.89
CA THR B 8 33.12 1.45 -1.52
C THR B 8 32.30 2.56 -0.86
N ILE B 9 31.01 2.59 -1.15
CA ILE B 9 30.12 3.60 -0.60
C ILE B 9 29.39 3.13 0.66
N ARG B 10 29.36 3.98 1.68
CA ARG B 10 28.67 3.65 2.92
C ARG B 10 27.26 4.22 2.89
N PHE B 11 26.28 3.35 3.14
CA PHE B 11 24.88 3.76 3.14
C PHE B 11 24.30 3.31 4.48
N SER B 12 24.38 4.21 5.47
CA SER B 12 23.90 3.93 6.80
C SER B 12 22.50 4.52 6.99
N VAL B 13 21.51 3.64 7.05
CA VAL B 13 20.12 4.06 7.21
C VAL B 13 19.88 4.23 8.71
N ASP B 14 20.48 5.29 9.25
CA ASP B 14 20.42 5.59 10.68
C ASP B 14 19.54 6.76 11.10
N ARG B 15 18.60 7.15 10.24
CA ARG B 15 17.66 8.22 10.53
C ARG B 15 16.44 7.98 9.64
N PRO B 16 15.34 8.73 9.85
CA PRO B 16 14.14 8.51 9.03
C PRO B 16 14.42 8.27 7.55
N PHE B 17 13.82 7.22 7.02
CA PHE B 17 14.01 6.84 5.62
C PHE B 17 12.71 6.45 4.95
N HIS B 18 12.78 6.20 3.65
CA HIS B 18 11.60 5.79 2.90
C HIS B 18 11.88 4.46 2.22
N ILE B 19 10.85 3.65 2.10
CA ILE B 19 11.00 2.34 1.50
C ILE B 19 9.90 2.09 0.48
N VAL B 20 10.29 1.53 -0.66
CA VAL B 20 9.36 1.25 -1.75
C VAL B 20 9.46 -0.22 -2.15
N VAL B 21 8.43 -1.00 -1.88
CA VAL B 21 8.41 -2.41 -2.26
C VAL B 21 7.61 -2.42 -3.56
N ARG B 22 8.27 -2.82 -4.65
CA ARG B 22 7.63 -2.79 -5.95
C ARG B 22 7.80 -4.03 -6.81
N ARG B 23 6.88 -4.21 -7.75
CA ARG B 23 6.92 -5.31 -8.68
C ARG B 23 6.12 -4.96 -9.94
N ARG B 24 6.74 -5.14 -11.09
CA ARG B 24 6.09 -4.90 -12.36
C ARG B 24 5.36 -3.56 -12.50
N GLY B 25 5.97 -2.49 -12.02
CA GLY B 25 5.38 -1.17 -12.13
C GLY B 25 4.44 -0.71 -11.04
N ALA B 26 4.15 -1.57 -10.09
CA ALA B 26 3.25 -1.21 -9.00
C ALA B 26 3.97 -1.09 -7.66
N ILE B 27 3.51 -0.17 -6.83
CA ILE B 27 4.08 0.00 -5.50
C ILE B 27 3.22 -0.82 -4.54
N LEU B 28 3.73 -1.97 -4.11
CA LEU B 28 3.01 -2.83 -3.20
C LEU B 28 2.95 -2.25 -1.79
N PHE B 29 4.07 -1.67 -1.34
CA PHE B 29 4.15 -1.05 -0.03
C PHE B 29 4.99 0.20 -0.12
N LEU B 30 4.51 1.26 0.52
CA LEU B 30 5.21 2.53 0.52
C LEU B 30 5.26 3.00 1.96
N GLY B 31 6.47 3.19 2.47
CA GLY B 31 6.59 3.61 3.84
C GLY B 31 7.64 4.66 4.10
N SER B 32 7.42 5.38 5.20
CA SER B 32 8.33 6.39 5.69
C SER B 32 8.51 5.88 7.11
N ILE B 33 9.71 5.43 7.43
CA ILE B 33 10.01 4.84 8.73
C ILE B 33 10.82 5.80 9.60
N ALA B 34 10.33 6.06 10.81
CA ALA B 34 10.99 7.00 11.70
C ALA B 34 11.44 6.43 13.05
N ASP B 35 10.78 5.38 13.52
CA ASP B 35 11.13 4.78 14.81
C ASP B 35 11.04 3.26 14.68
N PRO B 36 12.13 2.63 14.20
CA PRO B 36 12.23 1.17 13.99
C PRO B 36 11.89 0.28 15.18
N HIS B 37 10.86 -0.55 15.02
CA HIS B 37 10.46 -1.50 16.04
C HIS B 37 11.00 -2.86 15.58
N ASP B 38 11.83 -3.48 16.42
CA ASP B 38 12.45 -4.75 16.06
C ASP B 38 11.58 -6.00 16.16
N PRO B 39 11.39 -6.70 15.02
CA PRO B 39 10.58 -7.91 15.00
C PRO B 39 11.38 -9.12 15.48
N GLY B 40 12.69 -8.93 15.60
CA GLY B 40 13.57 -10.00 16.04
C GLY B 40 14.25 -10.63 14.83
N PRO B 41 15.28 -11.46 15.03
CA PRO B 41 15.98 -12.09 13.90
C PRO B 41 15.05 -12.92 13.04
N ALA B 42 15.33 -12.96 11.74
CA ALA B 42 14.52 -13.73 10.81
C ALA B 42 14.53 -15.20 11.20
#